data_6YHN
#
_entry.id   6YHN
#
_cell.length_a   48.271
_cell.length_b   90.531
_cell.length_c   120.717
_cell.angle_alpha   90.000
_cell.angle_beta   90.000
_cell.angle_gamma   90.000
#
_symmetry.space_group_name_H-M   'P 21 21 21'
#
loop_
_entity.id
_entity.type
_entity.pdbx_description
1 polymer 'Cytotoxic necrotizing factor'
2 non-polymer (R,R)-2,3-BUTANEDIOL
3 non-polymer 'MAGNESIUM ION'
4 non-polymer 'SODIUM ION'
5 non-polymer 'CHLORIDE ION'
6 non-polymer 'SULFATE ION'
7 water water
#
_entity_poly.entity_id   1
_entity_poly.type   'polypeptide(L)'
_entity_poly.pdbx_seq_one_letter_code
;GGGRQPFNFEGLDIPVYFIDKPYSELASSVELSFVNDDSPLLFPEMDSRLPKPTPELDIKYYSSNLSSFKEDTVILMRGT
TEEEAWNIANYKTAGGSNKDLEENFIEAGPQFNLSFSEYTSSINSADTASRKHFLVIIKVQVKYISNDNVLYANHWAIPD
EAPVEVLAVVDRRFIFPEPPVKPKLSFIQKIANRFLTENVAEISSINFRRLNSGNINVLKGRGVFSSRRLREIYLRFDAA
NADELRPGDVYVKKTKFDSMGYDSHFYNEGIGINGAPTLNTYTGEYVADSSSQGATYWLKYNLTNETSIIKVSNSARGAN
GIKIALEEIEENKPVVITSGTLTG(CSO)TVVFARKGEYFYAVHTGNSESLIGFTSTSGVAKAIEVLSSLSELEVPALPD
VINNNTLVEYLSDNFDSALISYSSSSLKPNSMINISRENVSTFSYYTDDIQLPSFGTSVTILVRTNDNTVVRSLSESYTM
NSNSSKMVVFNVLQKDFSAGGDYKDHDGDYKDHDIDYKDDDDK
;
_entity_poly.pdbx_strand_id   A
#
loop_
_chem_comp.id
_chem_comp.type
_chem_comp.name
_chem_comp.formula
BU3 non-polymer (R,R)-2,3-BUTANEDIOL 'C4 H10 O2'
CL non-polymer 'CHLORIDE ION' 'Cl -1'
MG non-polymer 'MAGNESIUM ION' 'Mg 2'
NA non-polymer 'SODIUM ION' 'Na 1'
SO4 non-polymer 'SULFATE ION' 'O4 S -2'
#
# COMPACT_ATOMS: atom_id res chain seq x y z
N GLY A 3 -37.11 -0.14 -3.76
CA GLY A 3 -35.82 -0.49 -3.20
C GLY A 3 -35.93 -1.30 -1.93
N ARG A 4 -35.03 -1.03 -0.99
CA ARG A 4 -35.02 -1.67 0.33
C ARG A 4 -35.25 -0.62 1.39
N GLN A 5 -36.06 -0.96 2.40
CA GLN A 5 -36.43 0.00 3.42
C GLN A 5 -35.18 0.51 4.14
N PRO A 6 -35.01 1.81 4.31
CA PRO A 6 -33.88 2.32 5.09
C PRO A 6 -33.98 1.89 6.54
N PHE A 7 -32.85 1.48 7.09
CA PHE A 7 -32.79 1.13 8.50
C PHE A 7 -32.76 2.40 9.35
N ASN A 8 -33.55 2.37 10.42
CA ASN A 8 -33.74 3.52 11.28
C ASN A 8 -32.97 3.26 12.58
N PHE A 9 -31.90 4.01 12.78
CA PHE A 9 -31.00 3.82 13.91
C PHE A 9 -31.46 4.55 15.16
N GLU A 10 -32.55 5.31 15.10
CA GLU A 10 -32.87 6.21 16.21
C GLU A 10 -33.28 5.46 17.46
N GLY A 11 -33.87 4.27 17.34
CA GLY A 11 -34.28 3.51 18.51
C GLY A 11 -33.19 2.66 19.15
N LEU A 12 -31.99 2.67 18.57
CA LEU A 12 -30.92 1.80 19.02
C LEU A 12 -30.05 2.49 20.07
N ASP A 13 -29.27 1.68 20.77
CA ASP A 13 -28.42 2.15 21.85
C ASP A 13 -27.06 2.44 21.23
N ILE A 14 -26.89 3.67 20.73
CA ILE A 14 -25.64 4.06 20.11
C ILE A 14 -25.18 5.38 20.71
N PRO A 15 -24.09 5.40 21.49
CA PRO A 15 -23.64 6.67 22.10
C PRO A 15 -23.28 7.74 21.08
N VAL A 16 -22.68 7.35 19.96
CA VAL A 16 -22.22 8.28 18.93
C VAL A 16 -22.74 7.77 17.59
N TYR A 17 -23.68 8.48 16.99
CA TYR A 17 -24.22 8.13 15.68
C TYR A 17 -24.37 9.43 14.90
N PHE A 18 -23.78 9.50 13.71
CA PHE A 18 -23.98 10.65 12.85
C PHE A 18 -23.72 10.29 11.40
N ILE A 19 -24.07 11.23 10.53
CA ILE A 19 -23.91 11.10 9.09
C ILE A 19 -22.63 11.84 8.69
N ASP A 20 -21.69 11.13 8.09
CA ASP A 20 -20.41 11.71 7.70
C ASP A 20 -20.56 12.58 6.45
N LYS A 21 -19.84 13.73 6.42
CA LYS A 21 -19.88 14.59 5.23
C LYS A 21 -18.62 14.40 4.43
N PRO A 22 -18.69 14.26 3.11
CA PRO A 22 -17.47 14.17 2.30
C PRO A 22 -16.81 15.54 2.18
N TYR A 23 -15.57 15.52 1.68
CA TYR A 23 -14.82 16.76 1.49
C TYR A 23 -15.65 17.81 0.75
N SER A 24 -16.34 17.39 -0.31
CA SER A 24 -17.13 18.31 -1.13
C SER A 24 -18.22 19.04 -0.36
N GLU A 25 -18.56 18.61 0.85
CA GLU A 25 -19.61 19.24 1.64
C GLU A 25 -19.07 20.03 2.83
N LEU A 26 -17.75 20.20 2.92
CA LEU A 26 -17.15 20.87 4.06
C LEU A 26 -16.73 22.29 3.71
N GLU A 31 -9.80 22.43 -0.48
CA GLU A 31 -8.80 22.05 -1.48
C GLU A 31 -9.28 20.86 -2.29
N LEU A 32 -10.12 20.03 -1.68
CA LEU A 32 -10.68 18.83 -2.32
C LEU A 32 -12.19 18.97 -2.46
N SER A 33 -12.64 20.15 -2.88
CA SER A 33 -14.07 20.46 -2.94
C SER A 33 -14.83 19.63 -3.97
N PHE A 34 -14.14 18.84 -4.79
CA PHE A 34 -14.79 17.97 -5.74
C PHE A 34 -14.76 16.50 -5.33
N VAL A 35 -14.15 16.16 -4.20
CA VAL A 35 -14.09 14.78 -3.74
C VAL A 35 -15.35 14.53 -2.93
N ASN A 36 -16.32 13.86 -3.54
CA ASN A 36 -17.62 13.66 -2.93
C ASN A 36 -17.82 12.24 -2.43
N ASP A 37 -16.79 11.40 -2.46
CA ASP A 37 -16.90 10.00 -2.05
C ASP A 37 -15.83 9.63 -1.03
N ASP A 38 -15.34 10.61 -0.27
CA ASP A 38 -14.36 10.38 0.77
C ASP A 38 -14.46 11.54 1.75
N SER A 39 -13.88 11.37 2.93
CA SER A 39 -13.97 12.37 3.97
C SER A 39 -12.73 12.28 4.83
N PRO A 40 -12.47 13.31 5.65
CA PRO A 40 -11.32 13.27 6.57
C PRO A 40 -11.64 12.65 7.91
N LEU A 41 -12.71 11.86 7.98
CA LEU A 41 -13.18 11.31 9.24
C LEU A 41 -12.07 10.58 9.99
N LEU A 42 -11.30 9.75 9.29
CA LEU A 42 -10.28 8.94 9.92
C LEU A 42 -8.86 9.31 9.50
N PHE A 43 -8.69 10.04 8.41
CA PHE A 43 -7.38 10.37 7.89
C PHE A 43 -7.32 11.87 7.57
N PRO A 44 -6.24 12.56 7.96
CA PRO A 44 -5.06 12.02 8.65
C PRO A 44 -5.21 11.95 10.16
N GLU A 45 -6.28 12.51 10.71
CA GLU A 45 -6.51 12.54 12.15
C GLU A 45 -7.91 12.05 12.46
N MET A 46 -8.02 11.08 13.36
CA MET A 46 -9.32 10.51 13.68
C MET A 46 -10.20 11.57 14.34
N ASP A 47 -11.38 11.80 13.75
CA ASP A 47 -12.37 12.73 14.30
C ASP A 47 -12.50 12.59 15.80
N SER A 48 -12.53 13.73 16.49
CA SER A 48 -12.52 13.75 17.95
C SER A 48 -13.80 13.21 18.56
N ARG A 49 -14.87 13.07 17.79
CA ARG A 49 -16.10 12.48 18.30
C ARG A 49 -15.96 10.99 18.53
N LEU A 50 -14.98 10.36 17.91
CA LEU A 50 -14.87 8.91 17.89
C LEU A 50 -13.86 8.42 18.92
N PRO A 51 -14.16 7.34 19.63
CA PRO A 51 -13.14 6.73 20.49
C PRO A 51 -12.04 6.09 19.67
N LYS A 52 -10.84 6.13 20.21
CA LYS A 52 -9.73 5.62 19.41
C LYS A 52 -9.52 4.13 19.66
N PRO A 53 -9.08 3.39 18.64
CA PRO A 53 -8.88 1.95 18.81
C PRO A 53 -7.67 1.65 19.68
N THR A 54 -7.66 0.43 20.22
CA THR A 54 -6.51 -0.06 20.96
C THR A 54 -5.36 -0.31 20.00
N PRO A 55 -4.14 0.12 20.33
CA PRO A 55 -2.99 -0.15 19.44
C PRO A 55 -2.79 -1.65 19.23
N GLU A 56 -2.47 -2.01 17.99
CA GLU A 56 -2.31 -3.42 17.63
C GLU A 56 -1.33 -4.12 18.57
N LEU A 57 -0.23 -3.45 18.90
CA LEU A 57 0.76 -4.08 19.78
C LEU A 57 0.17 -4.38 21.15
N ASP A 58 -0.71 -3.51 21.65
CA ASP A 58 -1.35 -3.76 22.93
C ASP A 58 -2.35 -4.92 22.84
N ILE A 59 -3.10 -5.00 21.74
CA ILE A 59 -4.01 -6.12 21.57
C ILE A 59 -3.24 -7.44 21.55
N LYS A 60 -2.14 -7.47 20.78
CA LYS A 60 -1.31 -8.67 20.75
C LYS A 60 -0.79 -9.01 22.13
N TYR A 61 -0.43 -7.99 22.92
CA TYR A 61 0.06 -8.22 24.27
C TYR A 61 -1.02 -8.82 25.16
N TYR A 62 -2.25 -8.31 25.07
CA TYR A 62 -3.35 -8.87 25.85
C TYR A 62 -3.66 -10.29 25.41
N SER A 63 -3.78 -10.51 24.10
N SER A 63 -3.78 -10.51 24.09
CA SER A 63 -4.16 -11.83 23.59
CA SER A 63 -4.16 -11.82 23.58
C SER A 63 -3.07 -12.86 23.86
C SER A 63 -3.07 -12.86 23.84
N SER A 64 -1.81 -12.44 23.89
CA SER A 64 -0.70 -13.34 24.17
C SER A 64 -0.59 -13.72 25.64
N ASN A 65 -1.19 -12.93 26.52
CA ASN A 65 -1.23 -13.23 27.94
C ASN A 65 -2.68 -13.38 28.37
N LEU A 66 -3.37 -14.34 27.74
CA LEU A 66 -4.83 -14.41 27.84
C LEU A 66 -5.28 -14.67 29.28
N SER A 67 -4.55 -15.51 30.01
CA SER A 67 -4.94 -15.76 31.40
C SER A 67 -4.97 -14.47 32.22
N SER A 68 -4.10 -13.51 31.89
CA SER A 68 -4.02 -12.28 32.66
C SER A 68 -5.04 -11.24 32.18
N PHE A 69 -5.43 -11.27 30.91
CA PHE A 69 -6.23 -10.18 30.35
C PHE A 69 -7.52 -10.65 29.67
N LYS A 70 -7.98 -11.88 29.92
CA LYS A 70 -9.14 -12.40 29.20
C LYS A 70 -10.39 -11.56 29.47
N GLU A 71 -10.52 -10.99 30.67
CA GLU A 71 -11.69 -10.18 30.99
C GLU A 71 -11.54 -8.72 30.58
N ASP A 72 -10.34 -8.27 30.23
CA ASP A 72 -10.15 -6.88 29.84
C ASP A 72 -10.69 -6.65 28.44
N THR A 73 -10.83 -5.37 28.08
CA THR A 73 -11.45 -4.97 26.84
C THR A 73 -10.46 -4.26 25.93
N VAL A 74 -10.77 -4.33 24.63
CA VAL A 74 -10.10 -3.54 23.61
C VAL A 74 -11.16 -2.87 22.76
N ILE A 75 -10.75 -1.81 22.08
CA ILE A 75 -11.62 -1.06 21.17
C ILE A 75 -11.19 -1.35 19.74
N LEU A 76 -12.13 -1.79 18.91
CA LEU A 76 -11.87 -2.19 17.55
C LEU A 76 -12.87 -1.52 16.61
N MET A 77 -12.51 -1.49 15.34
CA MET A 77 -13.28 -0.81 14.30
C MET A 77 -13.64 -1.79 13.19
N ARG A 78 -14.62 -1.40 12.38
CA ARG A 78 -15.02 -2.25 11.27
C ARG A 78 -15.81 -1.44 10.26
N GLY A 79 -15.58 -1.71 8.98
CA GLY A 79 -16.41 -1.18 7.92
C GLY A 79 -17.45 -2.22 7.57
N THR A 80 -18.71 -1.80 7.53
CA THR A 80 -19.83 -2.71 7.34
C THR A 80 -20.88 -2.07 6.44
N THR A 81 -21.85 -2.88 6.03
CA THR A 81 -23.04 -2.37 5.36
C THR A 81 -24.00 -1.73 6.38
N GLU A 82 -24.96 -0.99 5.84
CA GLU A 82 -26.04 -0.41 6.63
C GLU A 82 -26.71 -1.49 7.48
N GLU A 83 -27.05 -2.62 6.85
CA GLU A 83 -27.79 -3.66 7.56
C GLU A 83 -26.94 -4.32 8.64
N GLU A 84 -25.68 -4.60 8.33
CA GLU A 84 -24.79 -5.19 9.33
C GLU A 84 -24.61 -4.27 10.53
N ALA A 85 -24.42 -2.97 10.28
CA ALA A 85 -24.22 -2.04 11.40
C ALA A 85 -25.47 -1.97 12.26
N TRP A 86 -26.64 -1.93 11.64
CA TRP A 86 -27.88 -1.85 12.40
C TRP A 86 -28.03 -3.08 13.29
N ASN A 87 -27.77 -4.26 12.72
CA ASN A 87 -27.91 -5.50 13.49
C ASN A 87 -26.88 -5.59 14.61
N ILE A 88 -25.65 -5.13 14.38
CA ILE A 88 -24.66 -5.12 15.46
C ILE A 88 -25.15 -4.24 16.60
N ALA A 89 -25.63 -3.03 16.26
CA ALA A 89 -26.10 -2.11 17.30
C ALA A 89 -27.40 -2.61 17.95
N ASN A 90 -28.24 -3.32 17.21
CA ASN A 90 -29.52 -3.79 17.74
C ASN A 90 -29.32 -4.99 18.66
N TYR A 91 -28.56 -5.98 18.20
CA TYR A 91 -28.39 -7.22 18.95
C TYR A 91 -27.19 -7.19 19.89
N LYS A 92 -26.31 -6.20 19.74
CA LYS A 92 -25.16 -6.02 20.63
C LYS A 92 -24.26 -7.24 20.62
N THR A 93 -24.07 -7.80 19.42
CA THR A 93 -23.15 -8.90 19.19
C THR A 93 -22.26 -8.56 18.01
N ALA A 94 -21.10 -9.22 17.96
CA ALA A 94 -20.05 -8.84 17.01
C ALA A 94 -20.50 -9.00 15.56
N GLY A 95 -21.31 -10.02 15.29
CA GLY A 95 -21.80 -10.27 13.95
C GLY A 95 -23.27 -9.95 13.73
N GLY A 96 -23.86 -9.19 14.64
CA GLY A 96 -25.25 -8.82 14.48
C GLY A 96 -26.18 -10.00 14.54
N SER A 97 -25.82 -11.02 15.32
CA SER A 97 -26.62 -12.23 15.50
C SER A 97 -27.36 -12.17 16.82
N ASN A 98 -28.57 -12.72 16.84
CA ASN A 98 -29.32 -12.87 18.07
C ASN A 98 -29.33 -14.30 18.56
N LYS A 99 -28.57 -15.20 17.94
CA LYS A 99 -28.37 -16.51 18.52
C LYS A 99 -27.47 -16.37 19.73
N ASP A 100 -27.73 -17.21 20.74
CA ASP A 100 -26.92 -17.22 21.94
C ASP A 100 -25.62 -17.96 21.68
N LEU A 101 -24.56 -17.52 22.34
CA LEU A 101 -23.27 -18.20 22.20
C LEU A 101 -23.39 -19.68 22.51
N GLU A 102 -24.21 -20.04 23.50
CA GLU A 102 -24.39 -21.43 23.90
C GLU A 102 -24.95 -22.29 22.76
N GLU A 103 -25.66 -21.68 21.81
CA GLU A 103 -26.23 -22.47 20.72
C GLU A 103 -25.17 -23.10 19.83
N ASN A 104 -23.96 -22.51 19.79
CA ASN A 104 -22.87 -23.09 19.04
C ASN A 104 -22.37 -24.40 19.64
N PHE A 105 -22.67 -24.67 20.91
CA PHE A 105 -22.11 -25.81 21.62
C PHE A 105 -23.15 -26.89 21.90
N ILE A 106 -24.24 -26.91 21.14
CA ILE A 106 -25.27 -27.92 21.33
C ILE A 106 -24.76 -29.27 20.81
N LEU A 114 -18.72 -22.40 14.08
CA LEU A 114 -18.54 -21.03 14.53
C LEU A 114 -18.46 -20.07 13.34
N SER A 115 -19.37 -19.12 13.29
CA SER A 115 -19.27 -18.00 12.36
C SER A 115 -18.57 -16.84 13.05
N PHE A 116 -17.70 -16.15 12.31
CA PHE A 116 -16.86 -15.08 12.85
C PHE A 116 -17.01 -13.83 12.01
N SER A 117 -16.79 -12.69 12.65
CA SER A 117 -16.69 -11.42 11.96
C SER A 117 -15.36 -10.78 12.35
N GLU A 118 -14.75 -10.08 11.40
CA GLU A 118 -13.41 -9.53 11.60
C GLU A 118 -13.48 -8.03 11.81
N TYR A 119 -12.84 -7.57 12.86
CA TYR A 119 -12.67 -6.17 13.20
C TYR A 119 -11.19 -5.84 13.10
N THR A 120 -10.88 -4.54 13.11
CA THR A 120 -9.50 -4.14 12.90
C THR A 120 -9.09 -3.06 13.90
N SER A 121 -7.80 -3.05 14.21
CA SER A 121 -7.17 -1.98 14.96
C SER A 121 -6.57 -0.91 14.05
N SER A 122 -6.53 -1.14 12.75
CA SER A 122 -5.89 -0.22 11.81
C SER A 122 -6.87 0.87 11.41
N ILE A 123 -6.54 2.12 11.74
CA ILE A 123 -7.38 3.25 11.34
C ILE A 123 -7.46 3.35 9.83
N ASN A 124 -6.33 3.21 9.12
CA ASN A 124 -6.41 3.26 7.66
C ASN A 124 -7.22 2.12 7.09
N SER A 125 -7.16 0.93 7.70
N SER A 125 -7.16 0.94 7.71
CA SER A 125 -7.98 -0.18 7.22
CA SER A 125 -7.97 -0.19 7.25
C SER A 125 -9.46 0.10 7.44
C SER A 125 -9.45 0.08 7.45
N ALA A 126 -9.82 0.64 8.61
CA ALA A 126 -11.22 0.96 8.88
C ALA A 126 -11.71 2.05 7.95
N ASP A 127 -10.85 3.02 7.64
CA ASP A 127 -11.17 4.07 6.68
C ASP A 127 -11.54 3.47 5.33
N THR A 128 -10.67 2.60 4.82
CA THR A 128 -10.88 1.98 3.52
C THR A 128 -12.18 1.21 3.50
N ALA A 129 -12.45 0.43 4.55
CA ALA A 129 -13.60 -0.46 4.56
C ALA A 129 -14.91 0.28 4.77
N SER A 130 -14.89 1.38 5.53
CA SER A 130 -16.11 2.09 5.88
C SER A 130 -16.48 3.18 4.87
N ARG A 131 -15.54 3.64 4.05
CA ARG A 131 -15.84 4.66 3.06
C ARG A 131 -16.95 4.19 2.12
N LYS A 132 -17.98 5.04 1.96
CA LYS A 132 -19.17 4.77 1.16
C LYS A 132 -20.09 3.76 1.81
N HIS A 133 -19.80 3.37 3.05
CA HIS A 133 -20.63 2.43 3.77
C HIS A 133 -20.73 2.93 5.21
N PHE A 134 -20.56 2.03 6.18
CA PHE A 134 -20.70 2.38 7.59
C PHE A 134 -19.42 2.05 8.36
N LEU A 135 -19.11 2.89 9.34
CA LEU A 135 -18.08 2.61 10.33
C LEU A 135 -18.76 2.20 11.64
N VAL A 136 -18.29 1.09 12.22
CA VAL A 136 -18.74 0.64 13.53
C VAL A 136 -17.52 0.55 14.44
N ILE A 137 -17.65 1.07 15.65
CA ILE A 137 -16.60 0.98 16.66
C ILE A 137 -17.18 0.27 17.86
N ILE A 138 -16.47 -0.74 18.36
CA ILE A 138 -16.96 -1.58 19.45
C ILE A 138 -15.90 -1.67 20.54
N LYS A 139 -16.38 -2.01 21.74
CA LYS A 139 -15.54 -2.47 22.83
C LYS A 139 -15.89 -3.92 23.10
N VAL A 140 -14.87 -4.78 23.23
CA VAL A 140 -15.08 -6.22 23.33
C VAL A 140 -14.03 -6.82 24.24
N GLN A 141 -14.40 -7.87 24.96
CA GLN A 141 -13.47 -8.52 25.87
C GLN A 141 -12.49 -9.40 25.10
N VAL A 142 -11.26 -9.45 25.61
CA VAL A 142 -10.17 -10.13 24.92
C VAL A 142 -10.46 -11.61 24.74
N LYS A 143 -11.22 -12.20 25.65
CA LYS A 143 -11.51 -13.63 25.54
C LYS A 143 -12.27 -13.98 24.26
N TYR A 144 -12.82 -13.01 23.55
CA TYR A 144 -13.61 -13.28 22.35
C TYR A 144 -12.83 -13.07 21.05
N ILE A 145 -11.58 -12.62 21.10
CA ILE A 145 -10.88 -12.23 19.89
C ILE A 145 -9.73 -13.21 19.61
N SER A 146 -9.36 -13.28 18.34
CA SER A 146 -8.19 -14.05 17.92
C SER A 146 -7.81 -13.60 16.52
N ASN A 147 -6.54 -13.82 16.18
CA ASN A 147 -6.06 -13.48 14.84
C ASN A 147 -5.34 -14.67 14.19
N ASP A 148 -5.62 -15.90 14.64
CA ASP A 148 -4.89 -17.05 14.13
C ASP A 148 -5.08 -17.25 12.64
N ASN A 149 -6.28 -16.96 12.13
N ASN A 149 -6.28 -16.96 12.13
CA ASN A 149 -6.65 -17.32 10.76
CA ASN A 149 -6.65 -17.33 10.77
C ASN A 149 -7.03 -16.13 9.89
C ASN A 149 -6.90 -16.14 9.84
N VAL A 150 -6.76 -14.90 10.32
CA VAL A 150 -7.09 -13.74 9.50
C VAL A 150 -6.11 -13.62 8.35
N LEU A 151 -6.61 -13.13 7.21
CA LEU A 151 -5.77 -12.87 6.04
C LEU A 151 -5.28 -11.42 5.96
N TYR A 152 -5.91 -10.52 6.69
CA TYR A 152 -5.61 -9.10 6.62
C TYR A 152 -4.86 -8.65 7.86
N ALA A 153 -3.99 -7.68 7.66
CA ALA A 153 -3.20 -7.13 8.74
C ALA A 153 -4.09 -6.45 9.76
N ASN A 154 -3.72 -6.60 11.03
CA ASN A 154 -4.36 -5.87 12.12
C ASN A 154 -5.82 -6.25 12.27
N HIS A 155 -6.19 -7.45 11.82
CA HIS A 155 -7.55 -7.92 11.94
C HIS A 155 -7.68 -8.87 13.13
N TRP A 156 -8.90 -8.94 13.66
CA TRP A 156 -9.21 -9.78 14.81
C TRP A 156 -10.58 -10.40 14.58
N ALA A 157 -10.64 -11.73 14.58
CA ALA A 157 -11.89 -12.44 14.40
C ALA A 157 -12.62 -12.54 15.72
N ILE A 158 -13.95 -12.42 15.65
CA ILE A 158 -14.80 -12.43 16.84
C ILE A 158 -16.01 -13.29 16.49
N PRO A 159 -16.39 -14.24 17.35
CA PRO A 159 -17.63 -15.00 17.10
C PRO A 159 -18.80 -14.06 16.85
N ASP A 160 -19.62 -14.40 15.86
CA ASP A 160 -20.77 -13.56 15.52
C ASP A 160 -21.68 -13.32 16.71
N GLU A 161 -21.78 -14.29 17.61
CA GLU A 161 -22.66 -14.21 18.77
C GLU A 161 -21.98 -13.58 19.99
N ALA A 162 -20.70 -13.22 19.90
CA ALA A 162 -20.02 -12.68 21.06
C ALA A 162 -20.61 -11.31 21.43
N PRO A 163 -20.83 -11.04 22.71
CA PRO A 163 -21.35 -9.72 23.09
C PRO A 163 -20.31 -8.64 22.87
N VAL A 164 -20.79 -7.48 22.42
CA VAL A 164 -19.98 -6.30 22.26
C VAL A 164 -20.76 -5.10 22.76
N GLU A 165 -20.04 -4.04 23.09
CA GLU A 165 -20.60 -2.75 23.40
C GLU A 165 -20.33 -1.85 22.20
N VAL A 166 -21.39 -1.32 21.60
CA VAL A 166 -21.26 -0.45 20.43
C VAL A 166 -21.00 0.96 20.90
N LEU A 167 -19.86 1.51 20.50
CA LEU A 167 -19.47 2.85 20.92
C LEU A 167 -19.82 3.91 19.88
N ALA A 168 -19.77 3.56 18.60
CA ALA A 168 -20.07 4.53 17.55
C ALA A 168 -20.52 3.80 16.29
N VAL A 169 -21.43 4.45 15.57
CA VAL A 169 -21.81 4.05 14.22
C VAL A 169 -21.84 5.30 13.37
N VAL A 170 -21.11 5.30 12.26
CA VAL A 170 -21.10 6.44 11.36
C VAL A 170 -21.52 5.99 9.97
N ASP A 171 -22.53 6.68 9.43
CA ASP A 171 -23.02 6.47 8.08
C ASP A 171 -22.12 7.23 7.13
N ARG A 172 -21.28 6.52 6.38
CA ARG A 172 -20.34 7.14 5.45
C ARG A 172 -20.75 6.93 3.99
N ARG A 173 -22.06 6.81 3.73
CA ARG A 173 -22.49 6.59 2.36
C ARG A 173 -22.43 7.84 1.49
N PHE A 174 -22.33 9.02 2.12
CA PHE A 174 -22.14 10.28 1.38
C PHE A 174 -23.27 10.51 0.39
N ILE A 175 -24.50 10.35 0.87
CA ILE A 175 -25.68 10.58 0.04
C ILE A 175 -25.97 12.07 0.06
N PHE A 176 -25.43 12.78 -0.94
CA PHE A 176 -25.48 14.22 -1.06
C PHE A 176 -25.64 14.56 -2.53
N PRO A 177 -26.39 15.62 -2.86
CA PRO A 177 -26.47 16.04 -4.27
C PRO A 177 -25.09 16.23 -4.86
N GLU A 178 -24.94 15.82 -6.12
CA GLU A 178 -23.64 15.88 -6.77
C GLU A 178 -23.15 17.33 -6.81
N PRO A 179 -21.85 17.57 -6.63
CA PRO A 179 -21.34 18.94 -6.70
C PRO A 179 -21.37 19.45 -8.13
N PRO A 180 -21.89 20.67 -8.37
CA PRO A 180 -21.96 21.18 -9.75
C PRO A 180 -20.58 21.33 -10.40
N GLU A 198 -3.93 28.93 -1.38
CA GLU A 198 -2.55 28.64 -1.75
C GLU A 198 -2.49 28.03 -3.16
N ASN A 199 -3.65 27.95 -3.81
CA ASN A 199 -3.75 27.43 -5.17
C ASN A 199 -3.40 25.95 -5.24
N VAL A 200 -3.61 25.21 -4.14
CA VAL A 200 -3.30 23.78 -4.15
C VAL A 200 -4.12 23.06 -5.20
N ALA A 201 -5.42 23.35 -5.27
CA ALA A 201 -6.28 22.67 -6.23
C ALA A 201 -5.86 22.99 -7.66
N GLU A 202 -5.55 24.24 -7.94
CA GLU A 202 -5.17 24.65 -9.30
C GLU A 202 -3.83 24.05 -9.69
N ILE A 203 -2.85 24.13 -8.80
CA ILE A 203 -1.55 23.54 -9.11
C ILE A 203 -1.68 22.04 -9.26
N SER A 204 -2.50 21.40 -8.42
CA SER A 204 -2.68 19.96 -8.51
C SER A 204 -3.35 19.57 -9.82
N SER A 205 -4.29 20.40 -10.30
CA SER A 205 -4.94 20.11 -11.58
C SER A 205 -3.95 20.28 -12.74
N ILE A 206 -3.06 21.27 -12.65
CA ILE A 206 -2.00 21.39 -13.63
C ILE A 206 -1.09 20.17 -13.60
N ASN A 207 -0.72 19.73 -12.39
CA ASN A 207 0.10 18.52 -12.27
C ASN A 207 -0.57 17.32 -12.94
N PHE A 208 -1.88 17.17 -12.75
CA PHE A 208 -2.58 16.09 -13.43
C PHE A 208 -2.51 16.25 -14.94
N ARG A 209 -2.72 17.47 -15.44
CA ARG A 209 -2.64 17.69 -16.88
C ARG A 209 -1.26 17.33 -17.39
N ARG A 210 -0.21 17.65 -16.64
CA ARG A 210 1.14 17.31 -17.06
C ARG A 210 1.34 15.79 -17.09
N LEU A 211 0.93 15.10 -16.02
CA LEU A 211 1.04 13.66 -15.99
C LEU A 211 0.22 13.04 -17.12
N ASN A 212 -1.01 13.53 -17.29
CA ASN A 212 -1.92 12.94 -18.24
C ASN A 212 -1.47 13.14 -19.68
N SER A 213 -0.57 14.10 -19.91
CA SER A 213 0.05 14.26 -21.22
C SER A 213 1.16 13.24 -21.46
N GLY A 214 1.51 12.44 -20.46
CA GLY A 214 2.62 11.53 -20.57
C GLY A 214 3.98 12.14 -20.27
N ASN A 215 4.01 13.29 -19.59
CA ASN A 215 5.27 14.00 -19.34
C ASN A 215 5.76 13.64 -17.94
N ILE A 216 6.83 12.83 -17.89
CA ILE A 216 7.44 12.42 -16.63
C ILE A 216 8.03 13.60 -15.85
N ASN A 217 8.24 14.74 -16.52
N ASN A 217 8.24 14.74 -16.51
CA ASN A 217 8.87 15.87 -15.83
CA ASN A 217 8.88 15.86 -15.83
C ASN A 217 8.07 16.29 -14.61
C ASN A 217 8.06 16.36 -14.65
N VAL A 218 6.76 16.04 -14.60
CA VAL A 218 5.94 16.42 -13.46
C VAL A 218 6.44 15.81 -12.15
N LEU A 219 7.17 14.69 -12.22
CA LEU A 219 7.70 14.06 -11.02
C LEU A 219 9.18 14.32 -10.80
N LYS A 220 9.83 15.13 -11.62
CA LYS A 220 11.25 15.40 -11.45
C LYS A 220 11.47 16.39 -10.30
N GLY A 221 12.44 16.09 -9.44
CA GLY A 221 12.96 17.06 -8.50
C GLY A 221 12.06 17.39 -7.33
N ARG A 222 10.83 16.88 -7.30
CA ARG A 222 9.88 17.24 -6.26
C ARG A 222 9.90 16.27 -5.09
N GLY A 223 10.88 15.40 -5.04
CA GLY A 223 11.09 14.56 -3.86
C GLY A 223 10.34 13.25 -3.93
N VAL A 224 10.46 12.52 -2.83
CA VAL A 224 9.85 11.20 -2.71
C VAL A 224 8.37 11.34 -2.40
N PHE A 225 7.62 10.27 -2.70
CA PHE A 225 6.24 10.20 -2.25
C PHE A 225 5.83 8.76 -2.01
N SER A 226 4.99 8.60 -1.00
CA SER A 226 4.41 7.32 -0.64
C SER A 226 3.26 7.63 0.29
N SER A 227 2.32 6.70 0.36
CA SER A 227 1.23 6.78 1.30
C SER A 227 0.91 5.37 1.77
N ARG A 228 0.41 5.28 2.99
CA ARG A 228 -0.12 4.01 3.51
C ARG A 228 -1.61 3.85 3.26
N ARG A 229 -2.26 4.85 2.66
CA ARG A 229 -3.67 4.78 2.34
C ARG A 229 -3.94 3.63 1.38
N LEU A 230 -5.14 3.07 1.49
CA LEU A 230 -5.58 1.99 0.62
C LEU A 230 -6.89 2.41 -0.04
N ARG A 231 -6.86 2.58 -1.35
CA ARG A 231 -8.05 2.83 -2.15
C ARG A 231 -7.97 1.95 -3.38
N GLU A 232 -9.07 1.26 -3.70
CA GLU A 232 -9.09 0.42 -4.89
C GLU A 232 -8.97 1.32 -6.12
N ILE A 233 -8.10 0.94 -7.04
CA ILE A 233 -7.94 1.66 -8.29
C ILE A 233 -8.58 0.83 -9.40
N TYR A 234 -8.77 1.46 -10.55
CA TYR A 234 -9.46 0.76 -11.63
C TYR A 234 -8.66 -0.41 -12.15
N LEU A 235 -7.34 -0.37 -12.00
CA LEU A 235 -6.45 -1.29 -12.68
C LEU A 235 -6.25 -2.55 -11.85
N ARG A 236 -6.49 -3.70 -12.46
CA ARG A 236 -6.11 -4.98 -11.88
C ARG A 236 -4.72 -5.34 -12.37
N PHE A 237 -3.91 -5.94 -11.49
CA PHE A 237 -2.58 -6.37 -11.86
C PHE A 237 -2.21 -7.60 -11.03
N ASP A 238 -1.27 -8.38 -11.56
CA ASP A 238 -0.73 -9.49 -10.81
C ASP A 238 0.27 -8.95 -9.80
N ALA A 239 0.24 -9.48 -8.58
CA ALA A 239 1.19 -9.10 -7.55
C ALA A 239 1.77 -10.35 -6.92
N ALA A 240 3.05 -10.29 -6.56
CA ALA A 240 3.74 -11.45 -5.99
C ALA A 240 4.66 -11.02 -4.86
N ASN A 241 4.84 -11.93 -3.91
CA ASN A 241 5.70 -11.71 -2.76
C ASN A 241 6.57 -12.94 -2.53
N ALA A 242 7.85 -12.69 -2.26
CA ALA A 242 8.78 -13.74 -1.85
C ALA A 242 9.55 -13.23 -0.66
N ASP A 243 9.45 -13.94 0.47
CA ASP A 243 10.03 -13.47 1.72
C ASP A 243 10.58 -14.65 2.51
N GLU A 244 11.70 -14.41 3.18
CA GLU A 244 12.35 -15.45 3.97
C GLU A 244 11.48 -15.91 5.15
N LEU A 245 10.50 -15.11 5.55
CA LEU A 245 9.56 -15.55 6.57
C LEU A 245 8.72 -16.73 6.09
N ARG A 246 8.56 -16.87 4.77
CA ARG A 246 7.73 -17.91 4.17
C ARG A 246 8.58 -18.62 3.12
N PRO A 247 9.49 -19.48 3.55
CA PRO A 247 10.33 -20.22 2.58
C PRO A 247 9.50 -21.16 1.73
N GLY A 248 10.04 -21.49 0.57
CA GLY A 248 9.46 -22.50 -0.29
C GLY A 248 8.18 -22.09 -0.98
N ASP A 249 7.89 -20.80 -1.06
CA ASP A 249 6.66 -20.35 -1.69
C ASP A 249 6.80 -18.92 -2.19
N VAL A 250 6.20 -18.65 -3.33
CA VAL A 250 5.98 -17.28 -3.82
C VAL A 250 4.48 -17.05 -3.77
N TYR A 251 4.06 -16.07 -2.97
CA TYR A 251 2.64 -15.72 -2.87
C TYR A 251 2.23 -14.92 -4.09
N VAL A 252 1.13 -15.29 -4.72
CA VAL A 252 0.64 -14.59 -5.90
C VAL A 252 -0.79 -14.14 -5.63
N LYS A 253 -1.05 -12.86 -5.89
CA LYS A 253 -2.37 -12.25 -5.75
C LYS A 253 -2.77 -11.69 -7.10
N LYS A 254 -3.88 -12.19 -7.65
CA LYS A 254 -4.41 -11.70 -8.92
C LYS A 254 -5.72 -10.96 -8.77
N THR A 255 -6.35 -11.00 -7.61
CA THR A 255 -7.53 -10.21 -7.32
C THR A 255 -7.13 -8.75 -7.07
N LYS A 256 -8.09 -7.86 -7.21
CA LYS A 256 -7.84 -6.45 -6.95
C LYS A 256 -7.40 -6.24 -5.50
N PHE A 257 -6.55 -5.25 -5.31
CA PHE A 257 -6.36 -4.65 -4.00
C PHE A 257 -7.62 -3.86 -3.67
N ASP A 258 -8.44 -4.37 -2.74
CA ASP A 258 -9.74 -3.75 -2.54
C ASP A 258 -9.95 -3.36 -1.08
N SER A 259 -11.18 -3.07 -0.71
CA SER A 259 -11.45 -2.44 0.57
C SER A 259 -11.52 -3.42 1.74
N MET A 260 -11.28 -4.71 1.50
CA MET A 260 -11.35 -5.67 2.60
C MET A 260 -10.29 -5.40 3.65
N GLY A 261 -9.12 -4.92 3.24
CA GLY A 261 -8.04 -4.65 4.16
C GLY A 261 -6.69 -4.86 3.49
N TYR A 262 -5.65 -4.85 4.31
CA TYR A 262 -4.27 -5.00 3.85
C TYR A 262 -3.88 -6.47 3.88
N ASP A 263 -3.67 -7.07 2.72
CA ASP A 263 -3.22 -8.46 2.63
C ASP A 263 -1.94 -8.63 3.47
N SER A 264 -1.96 -9.60 4.39
N SER A 264 -1.96 -9.61 4.38
CA SER A 264 -0.84 -9.75 5.32
CA SER A 264 -0.85 -9.75 5.33
C SER A 264 0.46 -10.07 4.61
C SER A 264 0.46 -10.07 4.61
N HIS A 265 0.40 -10.68 3.42
CA HIS A 265 1.62 -10.98 2.68
C HIS A 265 2.28 -9.71 2.17
N PHE A 266 1.51 -8.65 1.99
CA PHE A 266 2.01 -7.36 1.55
C PHE A 266 1.95 -6.36 2.70
N TYR A 267 2.34 -6.84 3.88
CA TYR A 267 2.34 -6.02 5.10
C TYR A 267 3.54 -6.43 5.93
N ASN A 268 4.10 -5.45 6.64
CA ASN A 268 5.27 -5.67 7.48
C ASN A 268 4.92 -5.21 8.89
N GLU A 269 4.69 -6.17 9.80
CA GLU A 269 4.32 -5.83 11.16
C GLU A 269 5.45 -5.15 11.92
N GLY A 270 6.68 -5.23 11.42
CA GLY A 270 7.82 -4.67 12.12
C GLY A 270 8.07 -3.20 11.88
N ILE A 271 7.36 -2.58 10.95
CA ILE A 271 7.57 -1.19 10.62
C ILE A 271 6.78 -0.32 11.60
N GLY A 272 7.49 0.48 12.39
CA GLY A 272 6.83 1.36 13.33
C GLY A 272 6.13 0.58 14.43
N ILE A 273 4.90 0.97 14.73
CA ILE A 273 4.15 0.44 15.86
C ILE A 273 3.09 -0.53 15.39
N ASN A 274 2.14 -0.05 14.59
CA ASN A 274 1.06 -0.85 14.05
C ASN A 274 1.43 -1.55 12.75
N GLY A 275 2.70 -1.52 12.36
CA GLY A 275 3.12 -2.06 11.08
C GLY A 275 2.82 -1.13 9.93
N ALA A 276 3.16 -1.56 8.73
CA ALA A 276 2.87 -0.76 7.54
C ALA A 276 2.75 -1.65 6.32
N PRO A 277 1.95 -1.25 5.33
CA PRO A 277 1.85 -2.03 4.10
C PRO A 277 3.13 -1.94 3.28
N THR A 278 3.42 -3.01 2.55
CA THR A 278 4.55 -3.05 1.63
C THR A 278 4.10 -3.01 0.17
N LEU A 279 2.80 -3.13 -0.08
CA LEU A 279 2.26 -2.94 -1.41
C LEU A 279 0.82 -2.49 -1.24
N ASN A 280 0.49 -1.31 -1.78
CA ASN A 280 -0.86 -0.77 -1.63
C ASN A 280 -1.12 0.19 -2.77
N THR A 281 -2.40 0.37 -3.09
CA THR A 281 -2.85 1.31 -4.10
C THR A 281 -3.64 2.42 -3.42
N TYR A 282 -3.53 3.63 -3.98
CA TYR A 282 -4.32 4.75 -3.51
C TYR A 282 -4.51 5.71 -4.67
N THR A 283 -5.41 6.68 -4.48
CA THR A 283 -5.70 7.66 -5.51
C THR A 283 -5.00 8.97 -5.18
N GLY A 284 -4.78 9.78 -6.23
CA GLY A 284 -3.84 10.87 -6.21
C GLY A 284 -4.26 12.13 -5.51
N GLU A 285 -5.42 12.17 -4.83
CA GLU A 285 -5.78 13.33 -4.03
C GLU A 285 -4.82 13.51 -2.86
N TYR A 286 -4.13 12.46 -2.45
CA TYR A 286 -3.00 12.50 -1.55
C TYR A 286 -1.88 11.75 -2.26
N VAL A 287 -0.74 12.40 -2.46
CA VAL A 287 0.38 11.76 -3.12
C VAL A 287 1.40 11.25 -2.12
N ALA A 288 1.75 12.08 -1.14
CA ALA A 288 2.52 11.64 0.01
C ALA A 288 1.76 11.97 1.28
N ASP A 289 1.91 11.11 2.29
CA ASP A 289 1.42 11.41 3.62
C ASP A 289 2.61 11.41 4.59
N SER A 290 2.29 11.57 5.88
CA SER A 290 3.37 11.76 6.86
C SER A 290 4.21 10.52 7.07
N SER A 291 3.83 9.36 6.52
CA SER A 291 4.66 8.18 6.61
C SER A 291 5.78 8.17 5.59
N SER A 292 5.80 9.11 4.65
CA SER A 292 6.78 9.13 3.57
C SER A 292 8.03 9.87 4.04
N GLN A 293 9.10 9.12 4.33
CA GLN A 293 10.30 9.70 4.93
C GLN A 293 11.01 10.57 3.92
N GLY A 294 11.10 11.87 4.23
CA GLY A 294 11.78 12.82 3.38
C GLY A 294 10.88 13.57 2.43
N ALA A 295 9.57 13.29 2.39
CA ALA A 295 8.70 13.93 1.42
C ALA A 295 8.64 15.42 1.68
N THR A 296 8.47 16.18 0.59
CA THR A 296 8.37 17.63 0.67
C THR A 296 7.22 18.13 -0.20
N TYR A 297 7.47 18.30 -1.49
CA TYR A 297 6.48 18.90 -2.39
C TYR A 297 5.16 18.11 -2.36
N TRP A 298 5.24 16.78 -2.33
CA TRP A 298 4.04 15.96 -2.46
C TRP A 298 3.26 15.83 -1.16
N LEU A 299 3.75 16.40 -0.06
CA LEU A 299 2.92 16.59 1.12
C LEU A 299 1.94 17.74 0.94
N LYS A 300 2.28 18.69 0.07
CA LYS A 300 1.52 19.93 -0.09
C LYS A 300 0.58 19.87 -1.29
N TYR A 301 1.07 19.42 -2.43
CA TYR A 301 0.31 19.34 -3.68
C TYR A 301 0.00 17.89 -4.00
N ASN A 302 -0.90 17.70 -4.96
CA ASN A 302 -1.34 16.35 -5.30
C ASN A 302 -1.54 16.24 -6.80
N LEU A 303 -2.02 15.07 -7.22
CA LEU A 303 -2.25 14.74 -8.62
C LEU A 303 -3.73 14.53 -8.92
N THR A 304 -4.61 14.90 -7.99
CA THR A 304 -6.06 14.71 -8.03
C THR A 304 -6.44 13.24 -7.91
N ASN A 305 -7.70 13.00 -7.55
CA ASN A 305 -8.17 11.62 -7.36
C ASN A 305 -8.40 10.89 -8.67
N GLU A 306 -8.15 11.53 -9.82
CA GLU A 306 -8.17 10.81 -11.10
C GLU A 306 -6.86 10.07 -11.36
N THR A 307 -5.83 10.32 -10.55
CA THR A 307 -4.58 9.58 -10.67
C THR A 307 -4.59 8.37 -9.74
N SER A 308 -4.12 7.25 -10.27
CA SER A 308 -4.03 6.00 -9.52
C SER A 308 -2.57 5.72 -9.22
N ILE A 309 -2.25 5.45 -7.95
CA ILE A 309 -0.88 5.28 -7.50
C ILE A 309 -0.73 3.89 -6.91
N ILE A 310 0.34 3.21 -7.30
CA ILE A 310 0.71 1.91 -6.76
C ILE A 310 2.05 2.09 -6.04
N LYS A 311 2.05 1.84 -4.73
CA LYS A 311 3.25 1.87 -3.91
C LYS A 311 3.77 0.43 -3.78
N VAL A 312 5.00 0.21 -4.23
CA VAL A 312 5.64 -1.10 -4.13
C VAL A 312 6.90 -0.94 -3.30
N SER A 313 6.87 -1.51 -2.11
CA SER A 313 8.02 -1.49 -1.22
C SER A 313 8.66 -2.86 -1.19
N ASN A 314 9.82 -2.94 -0.55
CA ASN A 314 10.45 -4.24 -0.33
C ASN A 314 9.64 -5.02 0.71
N SER A 315 9.83 -6.33 0.71
CA SER A 315 9.31 -7.15 1.77
C SER A 315 10.28 -7.12 2.95
N ALA A 316 9.81 -7.58 4.12
CA ALA A 316 10.65 -7.54 5.32
C ALA A 316 12.00 -8.20 5.07
N ARG A 317 12.00 -9.34 4.37
CA ARG A 317 13.23 -10.00 3.95
C ARG A 317 12.98 -10.58 2.55
N GLY A 318 12.79 -9.71 1.57
CA GLY A 318 12.57 -10.20 0.21
C GLY A 318 11.93 -9.15 -0.68
N ALA A 319 11.19 -9.64 -1.67
CA ALA A 319 10.78 -8.85 -2.82
C ALA A 319 9.27 -8.85 -2.98
N ASN A 320 8.74 -7.70 -3.37
CA ASN A 320 7.38 -7.54 -3.88
C ASN A 320 7.46 -7.15 -5.35
N GLY A 321 6.54 -7.67 -6.15
CA GLY A 321 6.51 -7.32 -7.56
C GLY A 321 5.10 -7.25 -8.09
N ILE A 322 4.93 -6.48 -9.18
CA ILE A 322 3.66 -6.41 -9.89
C ILE A 322 3.92 -6.57 -11.39
N LYS A 323 2.88 -7.03 -12.09
CA LYS A 323 2.87 -7.16 -13.54
C LYS A 323 1.61 -6.50 -14.07
N ILE A 324 1.78 -5.51 -14.94
CA ILE A 324 0.69 -4.73 -15.49
C ILE A 324 0.57 -5.02 -16.97
N ALA A 325 -0.64 -5.28 -17.44
CA ALA A 325 -0.93 -5.38 -18.86
C ALA A 325 -1.08 -3.97 -19.43
N LEU A 326 -0.18 -3.58 -20.34
CA LEU A 326 -0.16 -2.21 -20.83
C LEU A 326 -1.45 -1.83 -21.54
N GLU A 327 -2.13 -2.80 -22.15
CA GLU A 327 -3.37 -2.51 -22.85
C GLU A 327 -4.52 -2.19 -21.91
N GLU A 328 -4.35 -2.40 -20.60
CA GLU A 328 -5.40 -2.13 -19.63
C GLU A 328 -5.28 -0.76 -18.99
N ILE A 329 -4.23 0.00 -19.30
CA ILE A 329 -4.20 1.40 -18.89
C ILE A 329 -5.26 2.15 -19.68
N GLU A 330 -6.01 3.00 -19.00
CA GLU A 330 -7.19 3.62 -19.61
C GLU A 330 -6.99 5.12 -19.79
N GLU A 331 -7.61 5.63 -20.84
CA GLU A 331 -7.53 7.05 -21.17
C GLU A 331 -8.01 7.91 -20.01
N ASN A 332 -7.24 8.96 -19.71
CA ASN A 332 -7.52 9.91 -18.64
C ASN A 332 -7.48 9.26 -17.25
N LYS A 333 -6.91 8.06 -17.14
CA LYS A 333 -6.72 7.39 -15.86
C LYS A 333 -5.26 6.98 -15.74
N PRO A 334 -4.36 7.95 -15.61
CA PRO A 334 -2.94 7.62 -15.57
C PRO A 334 -2.57 6.89 -14.29
N VAL A 335 -1.52 6.09 -14.37
CA VAL A 335 -1.06 5.26 -13.27
C VAL A 335 0.37 5.64 -12.96
N VAL A 336 0.67 5.78 -11.67
CA VAL A 336 2.00 6.09 -11.18
C VAL A 336 2.44 4.97 -10.25
N ILE A 337 3.64 4.43 -10.47
CA ILE A 337 4.26 3.48 -9.53
C ILE A 337 5.34 4.21 -8.77
N THR A 338 5.31 4.12 -7.44
CA THR A 338 6.34 4.70 -6.61
C THR A 338 6.96 3.63 -5.71
N SER A 339 8.26 3.77 -5.49
N SER A 339 8.26 3.76 -5.46
CA SER A 339 9.02 2.87 -4.62
CA SER A 339 8.97 2.83 -4.59
C SER A 339 9.18 3.42 -3.22
C SER A 339 9.29 3.46 -3.24
N GLY A 340 8.83 4.68 -2.98
CA GLY A 340 9.10 5.31 -1.73
C GLY A 340 10.57 5.68 -1.60
N THR A 341 10.98 5.82 -0.35
CA THR A 341 12.30 6.34 -0.03
C THR A 341 13.32 5.21 -0.10
N LEU A 342 14.33 5.35 -0.94
CA LEU A 342 15.32 4.31 -1.15
C LEU A 342 16.58 4.63 -0.35
N THR A 343 16.95 3.73 0.56
CA THR A 343 18.13 3.88 1.39
C THR A 343 18.89 2.56 1.51
N GLY A 344 18.83 1.73 0.47
CA GLY A 344 19.64 0.53 0.41
C GLY A 344 19.03 -0.54 -0.47
N CSO A 345 17.71 -0.46 -0.66
CA CSO A 345 16.95 -1.44 -1.41
CB CSO A 345 15.49 -1.41 -0.97
SG CSO A 345 15.33 -2.07 0.70
C CSO A 345 17.06 -1.25 -2.93
O CSO A 345 17.62 -0.27 -3.42
OD CSO A 345 16.89 -2.13 1.57
H CSO A 345 17.22 0.19 -0.35
HA CSO A 345 17.34 -2.33 -1.23
HB2 CSO A 345 14.96 -1.96 -1.57
HB3 CSO A 345 15.16 -0.50 -0.99
HD CSO A 345 16.78 -2.58 2.42
N THR A 346 16.69 -2.31 -3.64
CA THR A 346 16.81 -2.36 -5.09
C THR A 346 15.44 -2.36 -5.77
N VAL A 347 15.30 -1.50 -6.77
CA VAL A 347 14.06 -1.37 -7.53
C VAL A 347 14.34 -1.73 -8.98
N VAL A 348 13.52 -2.63 -9.52
CA VAL A 348 13.62 -3.08 -10.90
C VAL A 348 12.35 -2.69 -11.63
N PHE A 349 12.52 -2.00 -12.76
CA PHE A 349 11.44 -1.80 -13.72
C PHE A 349 11.80 -2.54 -14.99
N ALA A 350 10.82 -3.22 -15.60
CA ALA A 350 11.16 -4.01 -16.78
C ALA A 350 9.93 -4.20 -17.66
N ARG A 351 10.19 -4.42 -18.94
CA ARG A 351 9.14 -4.70 -19.90
C ARG A 351 9.45 -5.99 -20.62
N LYS A 352 8.42 -6.79 -20.84
CA LYS A 352 8.52 -7.98 -21.68
C LYS A 352 7.20 -8.10 -22.44
N GLY A 353 7.25 -7.95 -23.75
CA GLY A 353 6.04 -8.02 -24.54
C GLY A 353 5.12 -6.84 -24.22
N GLU A 354 3.86 -7.14 -23.95
CA GLU A 354 2.87 -6.13 -23.65
C GLU A 354 2.66 -5.93 -22.15
N TYR A 355 3.65 -6.33 -21.34
CA TYR A 355 3.53 -6.28 -19.89
C TYR A 355 4.68 -5.50 -19.28
N PHE A 356 4.35 -4.73 -18.24
CA PHE A 356 5.33 -3.97 -17.47
C PHE A 356 5.46 -4.59 -16.07
N TYR A 357 6.69 -4.63 -15.57
CA TYR A 357 7.02 -5.25 -14.29
C TYR A 357 7.68 -4.23 -13.38
N ALA A 358 7.31 -4.25 -12.10
CA ALA A 358 7.98 -3.46 -11.07
C ALA A 358 8.26 -4.36 -9.88
N VAL A 359 9.52 -4.45 -9.48
CA VAL A 359 9.93 -5.29 -8.37
C VAL A 359 10.84 -4.49 -7.45
N HIS A 360 10.60 -4.63 -6.15
CA HIS A 360 11.34 -3.92 -5.12
C HIS A 360 11.78 -4.95 -4.10
N THR A 361 13.09 -5.10 -3.93
CA THR A 361 13.62 -6.13 -3.05
C THR A 361 14.61 -5.52 -2.08
N GLY A 362 14.72 -6.15 -0.92
CA GLY A 362 15.58 -5.65 0.14
C GLY A 362 15.15 -6.25 1.47
N ASN A 363 15.39 -5.50 2.54
CA ASN A 363 14.98 -6.00 3.84
C ASN A 363 14.80 -4.84 4.79
N SER A 364 13.97 -5.05 5.81
CA SER A 364 13.70 -4.06 6.85
C SER A 364 14.40 -4.40 8.15
N GLU A 365 15.29 -5.40 8.16
CA GLU A 365 15.86 -5.93 9.39
C GLU A 365 17.35 -5.64 9.51
N SER A 366 17.85 -4.67 8.76
CA SER A 366 19.24 -4.23 8.88
C SER A 366 20.21 -5.39 8.67
N LEU A 367 19.94 -6.22 7.68
CA LEU A 367 20.79 -7.36 7.34
C LEU A 367 21.87 -6.89 6.36
N ILE A 368 23.11 -6.80 6.83
CA ILE A 368 24.22 -6.35 5.99
C ILE A 368 24.48 -7.38 4.90
N GLY A 369 24.46 -6.94 3.64
CA GLY A 369 24.75 -7.81 2.53
C GLY A 369 23.58 -8.64 2.03
N PHE A 370 22.41 -8.54 2.67
CA PHE A 370 21.25 -9.32 2.23
C PHE A 370 20.77 -8.86 0.86
N THR A 371 20.62 -7.55 0.69
CA THR A 371 19.89 -7.04 -0.46
C THR A 371 20.60 -7.37 -1.77
N SER A 372 21.92 -7.33 -1.77
CA SER A 372 22.68 -7.62 -2.98
C SER A 372 22.92 -9.11 -3.19
N THR A 373 22.36 -9.97 -2.33
CA THR A 373 22.55 -11.41 -2.48
C THR A 373 21.21 -12.13 -2.37
N SER A 374 20.72 -12.36 -1.16
CA SER A 374 19.40 -12.97 -0.99
C SER A 374 18.31 -12.12 -1.63
N GLY A 375 18.43 -10.79 -1.53
CA GLY A 375 17.44 -9.93 -2.14
C GLY A 375 17.35 -10.09 -3.65
N VAL A 376 18.50 -10.33 -4.30
CA VAL A 376 18.50 -10.62 -5.73
C VAL A 376 17.77 -11.94 -6.00
N ALA A 377 18.05 -12.96 -5.19
CA ALA A 377 17.39 -14.24 -5.38
C ALA A 377 15.87 -14.10 -5.24
N LYS A 378 15.41 -13.34 -4.24
CA LYS A 378 13.97 -13.15 -4.05
C LYS A 378 13.36 -12.37 -5.20
N ALA A 379 14.10 -11.38 -5.73
CA ALA A 379 13.61 -10.61 -6.87
C ALA A 379 13.47 -11.51 -8.09
N ILE A 380 14.41 -12.44 -8.28
CA ILE A 380 14.34 -13.34 -9.42
C ILE A 380 13.18 -14.34 -9.26
N GLU A 381 12.92 -14.77 -8.02
CA GLU A 381 11.75 -15.63 -7.78
C GLU A 381 10.48 -14.91 -8.18
N VAL A 382 10.35 -13.65 -7.78
CA VAL A 382 9.15 -12.87 -8.08
C VAL A 382 9.04 -12.60 -9.58
N LEU A 383 10.16 -12.23 -10.21
CA LEU A 383 10.13 -11.92 -11.64
C LEU A 383 9.79 -13.16 -12.46
N SER A 384 10.32 -14.32 -12.06
CA SER A 384 10.00 -15.56 -12.76
C SER A 384 8.56 -15.97 -12.53
N SER A 385 8.07 -15.81 -11.30
CA SER A 385 6.67 -16.12 -11.03
C SER A 385 5.74 -15.26 -11.86
N LEU A 386 5.97 -13.93 -11.85
CA LEU A 386 5.07 -13.03 -12.56
C LEU A 386 5.12 -13.25 -14.07
N SER A 387 6.30 -13.55 -14.60
CA SER A 387 6.44 -13.76 -16.04
C SER A 387 6.15 -15.20 -16.44
N GLU A 388 5.75 -16.05 -15.48
CA GLU A 388 5.35 -17.43 -15.78
C GLU A 388 6.50 -18.23 -16.38
N LEU A 389 7.70 -18.03 -15.83
CA LEU A 389 8.87 -18.80 -16.23
C LEU A 389 9.41 -19.57 -15.03
N GLU A 390 9.94 -20.76 -15.30
CA GLU A 390 10.68 -21.48 -14.28
C GLU A 390 11.92 -20.67 -13.91
N VAL A 391 12.27 -20.68 -12.64
CA VAL A 391 13.52 -20.03 -12.25
C VAL A 391 14.66 -20.64 -13.04
N PRO A 392 15.51 -19.85 -13.69
CA PRO A 392 16.63 -20.44 -14.43
C PRO A 392 17.70 -20.94 -13.47
N ALA A 393 18.67 -21.66 -14.03
CA ALA A 393 19.82 -22.09 -13.25
C ALA A 393 20.66 -20.88 -12.88
N LEU A 394 20.99 -20.75 -11.61
CA LEU A 394 21.68 -19.58 -11.11
C LEU A 394 23.05 -19.96 -10.53
N PRO A 395 24.01 -19.04 -10.54
CA PRO A 395 25.32 -19.34 -9.96
C PRO A 395 25.22 -19.58 -8.45
N ASP A 396 26.29 -20.15 -7.90
CA ASP A 396 26.35 -20.36 -6.46
C ASP A 396 26.40 -19.04 -5.70
N VAL A 397 27.10 -18.06 -6.26
CA VAL A 397 27.17 -16.71 -5.70
C VAL A 397 26.25 -15.82 -6.52
N ILE A 398 25.14 -15.40 -5.91
CA ILE A 398 24.18 -14.51 -6.55
C ILE A 398 24.43 -13.10 -6.02
N ASN A 399 24.67 -12.17 -6.94
CA ASN A 399 24.89 -10.77 -6.56
C ASN A 399 24.18 -9.87 -7.56
N ASN A 400 24.50 -8.57 -7.54
CA ASN A 400 23.81 -7.63 -8.41
C ASN A 400 24.14 -7.84 -9.88
N ASN A 401 25.35 -8.33 -10.18
CA ASN A 401 25.65 -8.72 -11.56
C ASN A 401 24.72 -9.84 -12.01
N THR A 402 24.38 -10.76 -11.11
CA THR A 402 23.44 -11.83 -11.47
C THR A 402 22.10 -11.25 -11.90
N LEU A 403 21.63 -10.23 -11.17
CA LEU A 403 20.37 -9.59 -11.53
C LEU A 403 20.43 -8.99 -12.93
N VAL A 404 21.53 -8.30 -13.25
CA VAL A 404 21.71 -7.74 -14.59
C VAL A 404 21.61 -8.84 -15.64
N GLU A 405 22.28 -9.96 -15.41
CA GLU A 405 22.28 -11.04 -16.38
C GLU A 405 20.88 -11.63 -16.54
N TYR A 406 20.22 -11.93 -15.42
CA TYR A 406 18.87 -12.47 -15.47
C TYR A 406 17.94 -11.54 -16.24
N LEU A 407 17.94 -10.25 -15.89
CA LEU A 407 17.04 -9.31 -16.56
C LEU A 407 17.36 -9.21 -18.04
N SER A 408 18.64 -9.20 -18.39
CA SER A 408 19.03 -9.11 -19.79
C SER A 408 18.50 -10.28 -20.60
N ASP A 409 18.62 -11.49 -20.05
CA ASP A 409 18.28 -12.70 -20.79
C ASP A 409 16.78 -12.98 -20.84
N ASN A 410 15.98 -12.44 -19.91
CA ASN A 410 14.58 -12.83 -19.80
C ASN A 410 13.58 -11.71 -19.99
N PHE A 411 14.03 -10.46 -20.13
CA PHE A 411 13.13 -9.34 -20.37
C PHE A 411 13.64 -8.52 -21.55
N ASP A 412 12.72 -7.81 -22.20
CA ASP A 412 13.07 -7.00 -23.36
C ASP A 412 13.94 -5.81 -22.96
N SER A 413 13.62 -5.19 -21.82
CA SER A 413 14.32 -3.99 -21.39
C SER A 413 14.11 -3.82 -19.90
N ALA A 414 15.12 -3.32 -19.19
CA ALA A 414 15.02 -3.23 -17.74
C ALA A 414 15.87 -2.08 -17.21
N LEU A 415 15.49 -1.62 -16.03
CA LEU A 415 16.22 -0.61 -15.27
C LEU A 415 16.38 -1.11 -13.85
N ILE A 416 17.61 -1.08 -13.35
CA ILE A 416 17.93 -1.43 -11.97
C ILE A 416 18.39 -0.16 -11.28
N SER A 417 17.71 0.21 -10.19
CA SER A 417 18.16 1.28 -9.32
C SER A 417 18.54 0.68 -7.97
N TYR A 418 19.75 0.97 -7.53
CA TYR A 418 20.34 0.18 -6.46
C TYR A 418 21.36 1.01 -5.70
N SER A 419 21.82 0.47 -4.58
CA SER A 419 22.83 1.10 -3.75
C SER A 419 24.11 0.29 -3.83
N SER A 420 25.23 0.94 -4.11
CA SER A 420 26.49 0.22 -4.22
C SER A 420 27.58 0.92 -3.42
N SER A 421 28.48 0.10 -2.89
CA SER A 421 29.66 0.60 -2.18
C SER A 421 30.83 -0.30 -2.55
N SER A 422 31.99 0.31 -2.83
CA SER A 422 33.19 -0.48 -3.07
C SER A 422 33.51 -1.37 -1.88
N LEU A 423 32.97 -1.06 -0.70
CA LEU A 423 33.19 -1.87 0.48
C LEU A 423 32.41 -3.18 0.41
N LYS A 424 31.23 -3.17 -0.22
CA LYS A 424 30.39 -4.36 -0.37
C LYS A 424 30.49 -4.82 -1.83
N PRO A 425 31.44 -5.70 -2.17
CA PRO A 425 31.62 -6.04 -3.58
C PRO A 425 30.37 -6.62 -4.23
N ASN A 426 29.59 -7.39 -3.49
CA ASN A 426 28.37 -7.95 -4.07
C ASN A 426 27.40 -6.88 -4.54
N SER A 427 27.47 -5.67 -3.97
CA SER A 427 26.58 -4.59 -4.40
C SER A 427 27.04 -3.95 -5.71
N MET A 428 28.33 -4.06 -6.02
CA MET A 428 28.89 -3.38 -7.19
C MET A 428 28.47 -4.08 -8.46
N ILE A 429 28.03 -3.30 -9.45
CA ILE A 429 27.75 -3.82 -10.79
C ILE A 429 28.93 -3.43 -11.67
N ASN A 430 29.62 -4.43 -12.21
CA ASN A 430 30.80 -4.20 -13.04
C ASN A 430 30.65 -4.86 -14.41
N ILE A 431 29.43 -5.20 -14.81
CA ILE A 431 29.14 -5.66 -16.16
C ILE A 431 28.10 -4.73 -16.75
N SER A 432 27.86 -4.89 -18.04
CA SER A 432 26.82 -4.14 -18.73
C SER A 432 26.15 -5.03 -19.75
N ARG A 433 24.86 -4.78 -19.97
CA ARG A 433 24.10 -5.41 -21.03
C ARG A 433 23.32 -4.33 -21.75
N GLU A 434 23.21 -4.46 -23.07
CA GLU A 434 22.65 -3.40 -23.88
C GLU A 434 21.18 -3.14 -23.56
N ASN A 435 20.48 -4.10 -22.96
CA ASN A 435 19.06 -3.94 -22.68
C ASN A 435 18.78 -3.75 -21.19
N VAL A 436 19.80 -3.42 -20.40
CA VAL A 436 19.65 -3.21 -18.96
C VAL A 436 20.37 -1.93 -18.57
N SER A 437 19.62 -0.94 -18.13
CA SER A 437 20.20 0.28 -17.58
C SER A 437 20.35 0.14 -16.06
N THR A 438 21.35 0.79 -15.51
CA THR A 438 21.57 0.72 -14.07
C THR A 438 21.80 2.11 -13.51
N PHE A 439 21.26 2.34 -12.31
CA PHE A 439 21.40 3.63 -11.64
C PHE A 439 21.75 3.37 -10.19
N SER A 440 22.98 3.69 -9.82
N SER A 440 22.98 3.70 -9.80
CA SER A 440 23.42 3.62 -8.43
CA SER A 440 23.41 3.58 -8.42
C SER A 440 23.00 4.91 -7.75
C SER A 440 23.02 4.87 -7.71
N TYR A 441 21.85 4.88 -7.07
CA TYR A 441 21.36 6.08 -6.41
C TYR A 441 22.15 6.39 -5.16
N TYR A 442 22.88 5.41 -4.63
CA TYR A 442 23.87 5.62 -3.59
C TYR A 442 25.20 5.09 -4.07
N THR A 443 26.26 5.82 -3.74
CA THR A 443 27.65 5.41 -3.98
C THR A 443 28.50 5.99 -2.87
N ASP A 444 29.73 5.50 -2.76
CA ASP A 444 30.65 6.05 -1.78
C ASP A 444 30.98 7.52 -2.03
N ASP A 445 30.77 8.01 -3.26
CA ASP A 445 31.04 9.41 -3.56
C ASP A 445 29.96 10.33 -3.02
N ILE A 446 28.90 9.80 -2.43
CA ILE A 446 27.80 10.63 -1.94
C ILE A 446 28.08 11.04 -0.51
N GLN A 447 27.90 12.33 -0.23
CA GLN A 447 27.87 12.81 1.14
C GLN A 447 26.47 12.59 1.69
N LEU A 448 26.35 11.78 2.73
CA LEU A 448 25.09 11.67 3.42
C LEU A 448 24.77 13.01 4.10
N PRO A 449 23.48 13.29 4.36
CA PRO A 449 22.32 12.42 4.15
C PRO A 449 21.86 12.42 2.70
N SER A 450 21.35 11.27 2.25
CA SER A 450 20.92 11.14 0.87
C SER A 450 19.86 10.05 0.80
N PHE A 451 19.06 10.09 -0.25
CA PHE A 451 18.17 8.98 -0.56
C PHE A 451 17.90 8.96 -2.05
N GLY A 452 17.41 7.82 -2.49
CA GLY A 452 17.00 7.65 -3.85
C GLY A 452 15.49 7.54 -3.99
N THR A 453 15.04 7.74 -5.22
CA THR A 453 13.64 7.54 -5.59
C THR A 453 13.62 6.79 -6.91
N SER A 454 12.54 6.05 -7.17
CA SER A 454 12.40 5.42 -8.47
C SER A 454 10.92 5.23 -8.74
N VAL A 455 10.46 5.80 -9.85
CA VAL A 455 9.04 5.87 -10.16
C VAL A 455 8.83 5.58 -11.64
N THR A 456 7.60 5.21 -11.98
CA THR A 456 7.20 5.00 -13.36
C THR A 456 5.82 5.60 -13.56
N ILE A 457 5.59 6.19 -14.73
CA ILE A 457 4.24 6.59 -15.15
C ILE A 457 3.81 5.70 -16.30
N LEU A 458 2.52 5.37 -16.31
CA LEU A 458 1.87 4.64 -17.40
C LEU A 458 0.66 5.46 -17.80
N VAL A 459 0.61 5.86 -19.07
CA VAL A 459 -0.39 6.81 -19.55
C VAL A 459 -0.87 6.37 -20.92
N ARG A 460 -2.20 6.23 -21.07
CA ARG A 460 -2.83 6.05 -22.37
C ARG A 460 -3.06 7.41 -23.00
N THR A 461 -2.28 7.75 -24.02
CA THR A 461 -2.44 9.02 -24.69
C THR A 461 -2.11 8.83 -26.16
N ASN A 462 -2.81 9.55 -27.02
CA ASN A 462 -2.60 9.45 -28.46
C ASN A 462 -2.70 8.01 -28.95
N ASP A 463 -3.53 7.21 -28.28
CA ASP A 463 -3.90 5.85 -28.69
C ASP A 463 -2.86 4.80 -28.31
N ASN A 464 -1.87 5.14 -27.48
CA ASN A 464 -0.82 4.22 -27.08
C ASN A 464 -0.62 4.32 -25.58
N THR A 465 0.05 3.33 -24.97
CA THR A 465 0.43 3.38 -23.56
C THR A 465 1.87 3.86 -23.44
N VAL A 466 2.04 5.08 -22.95
CA VAL A 466 3.36 5.61 -22.65
C VAL A 466 3.81 5.05 -21.31
N VAL A 467 5.06 4.59 -21.25
CA VAL A 467 5.66 4.05 -20.03
C VAL A 467 7.04 4.69 -19.87
N ARG A 468 7.20 5.49 -18.81
N ARG A 468 7.20 5.50 -18.83
CA ARG A 468 8.43 6.22 -18.58
CA ARG A 468 8.44 6.22 -18.59
C ARG A 468 8.84 6.07 -17.12
C ARG A 468 8.83 6.05 -17.13
N SER A 469 10.11 5.75 -16.90
CA SER A 469 10.65 5.56 -15.57
C SER A 469 11.67 6.64 -15.27
N LEU A 470 11.83 6.94 -13.98
CA LEU A 470 12.70 8.01 -13.53
C LEU A 470 13.29 7.61 -12.19
N SER A 471 14.61 7.59 -12.11
CA SER A 471 15.32 7.37 -10.86
C SER A 471 16.14 8.60 -10.54
N GLU A 472 16.19 8.94 -9.25
CA GLU A 472 16.86 10.15 -8.79
C GLU A 472 17.63 9.88 -7.52
N SER A 473 18.71 10.64 -7.33
N SER A 473 18.67 10.69 -7.31
CA SER A 473 19.43 10.75 -6.08
CA SER A 473 19.42 10.73 -6.06
C SER A 473 19.22 12.16 -5.52
C SER A 473 19.32 12.14 -5.50
N TYR A 474 18.92 12.24 -4.24
CA TYR A 474 18.70 13.51 -3.56
C TYR A 474 19.77 13.69 -2.48
N THR A 475 20.26 14.91 -2.35
CA THR A 475 21.34 15.23 -1.42
C THR A 475 21.02 16.45 -0.56
N MET A 476 22.03 16.95 0.16
CA MET A 476 21.88 17.98 1.20
C MET A 476 21.16 17.42 2.42
N LYS A 482 16.22 20.51 3.47
CA LYS A 482 16.02 20.79 2.06
C LYS A 482 16.88 19.86 1.19
N MET A 483 16.22 18.94 0.50
N MET A 483 16.23 18.96 0.45
CA MET A 483 16.89 17.99 -0.37
CA MET A 483 16.92 17.98 -0.36
C MET A 483 16.71 18.43 -1.83
C MET A 483 16.68 18.27 -1.84
N VAL A 484 17.74 18.20 -2.63
CA VAL A 484 17.69 18.52 -4.05
C VAL A 484 18.28 17.37 -4.85
N VAL A 485 17.74 17.17 -6.05
CA VAL A 485 18.20 16.11 -6.93
C VAL A 485 19.49 16.57 -7.61
N PHE A 486 20.45 15.65 -7.71
CA PHE A 486 21.74 15.95 -8.33
C PHE A 486 22.19 14.90 -9.33
N ASN A 487 21.46 13.79 -9.45
CA ASN A 487 21.82 12.68 -10.31
C ASN A 487 20.51 12.00 -10.71
N VAL A 488 20.38 11.64 -11.99
CA VAL A 488 19.11 11.11 -12.48
C VAL A 488 19.39 10.07 -13.55
N LEU A 489 18.42 9.18 -13.74
CA LEU A 489 18.38 8.35 -14.93
C LEU A 489 16.92 8.25 -15.35
N GLN A 490 16.64 8.58 -16.61
CA GLN A 490 15.30 8.50 -17.17
CA GLN A 490 15.30 8.49 -17.16
C GLN A 490 15.30 7.43 -18.26
N LYS A 491 14.36 6.50 -18.19
CA LYS A 491 14.28 5.45 -19.20
C LYS A 491 12.85 5.30 -19.70
N ASP A 492 12.71 5.27 -21.02
CA ASP A 492 11.41 5.08 -21.66
CA ASP A 492 11.42 5.08 -21.68
C ASP A 492 11.26 3.60 -22.02
N PHE A 493 10.11 3.04 -21.69
CA PHE A 493 9.80 1.64 -21.99
C PHE A 493 8.72 1.49 -23.05
N SER A 494 8.37 2.56 -23.74
CA SER A 494 7.32 2.52 -24.75
C SER A 494 7.90 2.77 -26.14
N ALA A 495 7.12 2.44 -27.16
CA ALA A 495 7.53 2.63 -28.54
C ALA A 495 7.20 4.05 -29.00
O6 BU3 B . -5.66 -10.23 -0.77
C3 BU3 B . -6.68 -10.92 -0.10
C4 BU3 B . -6.29 -11.15 1.35
C2 BU3 B . -6.90 -12.28 -0.78
O5 BU3 B . -7.15 -12.09 -2.14
C1 BU3 B . -8.10 -12.97 -0.13
HO6 BU3 B . -5.60 -9.44 -0.44
H3 BU3 B . -7.50 -10.40 -0.14
H41 BU3 B . -5.69 -11.89 1.42
H42 BU3 B . -5.85 -10.35 1.70
H43 BU3 B . -7.09 -11.32 1.88
H2 BU3 B . -6.12 -12.83 -0.67
HO5 BU3 B . -6.49 -12.38 -2.59
H11 BU3 B . -8.77 -12.32 0.11
H12 BU3 B . -7.81 -13.45 0.66
H13 BU3 B . -8.49 -13.60 -0.76
MG MG C . -23.91 0.40 3.08
MG MG D . 8.16 22.65 -8.75
MG MG E . -13.00 -3.39 8.50
MG MG F . 8.69 4.82 1.69
NA NA G . -32.04 -2.66 19.96
NA NA H . -21.28 17.11 -2.41
CL CL I . -11.68 1.51 -2.08
S SO4 J . -14.16 -5.23 -5.83
O1 SO4 J . -13.98 -4.54 -7.10
O2 SO4 J . -13.08 -6.20 -5.65
O3 SO4 J . -14.11 -4.25 -4.74
O4 SO4 J . -15.45 -5.91 -5.82
#